data_7S8A
#
_entry.id   7S8A
#
_cell.length_a   147.814
_cell.length_b   147.814
_cell.length_c   147.814
_cell.angle_alpha   90.000
_cell.angle_beta   90.000
_cell.angle_gamma   90.000
#
_symmetry.space_group_name_H-M   'I 21 3'
#
loop_
_entity.id
_entity.type
_entity.pdbx_description
1 polymer 'HLA class I histocompatibility antigen, B-7 alpha chain'
2 polymer Beta-2-microglobulin
3 polymer 'MLL cleavage product N320 phosphopeptide'
4 non-polymer 'DODECAETHYLENE GLYCOL'
5 non-polymer 3,6,9,12,15,18,21-HEPTAOXATRICOSANE-1,23-DIOL
6 non-polymer 'TRIETHYLENE GLYCOL'
7 non-polymer DI(HYDROXYETHYL)ETHER
8 non-polymer 'TETRAETHYLENE GLYCOL'
9 non-polymer 'ACETATE ION'
10 non-polymer 'PENTAETHYLENE GLYCOL'
11 water water
#
loop_
_entity_poly.entity_id
_entity_poly.type
_entity_poly.pdbx_seq_one_letter_code
_entity_poly.pdbx_strand_id
1 'polypeptide(L)'
;GSHSMRYFYTSVSRPGRGEPRFISVGYVDDTQFVRFDSDAASPREEPRAPWIEQEGPEYWDRNTQIYKAQAQTDRESLRN
LRGYYNQSEAGSHTLQSMYGCDVGPDGRLLRGHDQYAYDGKDYIALNEDLRSWTAADTAAQITQRKWEAAREAEQRRAYL
EGECVEWLRRYLENGKDKLERADPPKTHVTHHPISDHEATLRCWALGFYPAEITLTWQRDGEDQTQDTELVETRPAGDRT
FQKWAAVVVPSGEEQRYTCHVQHEGLPKPLTLRWE
;
A
2 'polypeptide(L)'
;MIQRTPKIQVYSRHPAENGKSNFLNCYVSGFHPSDIEVDLLKNGERIEKVEHSDLSFSKDWSFYLLYYTEFTPTEKDEYA
CRVNHVTLSQPKIVKWDRDM
;
B
3 'polypeptide(L)' EPR(SEP)PSHSM C
#
# COMPACT_ATOMS: atom_id res chain seq x y z
N GLY A 1 -11.01 13.98 -13.25
CA GLY A 1 -10.00 13.35 -14.14
C GLY A 1 -10.23 11.84 -14.23
N SER A 2 -9.16 11.10 -14.48
CA SER A 2 -9.20 9.63 -14.54
C SER A 2 -9.28 9.06 -13.11
N HIS A 3 -9.87 7.88 -12.96
CA HIS A 3 -10.06 7.25 -11.63
C HIS A 3 -9.90 5.75 -11.70
N SER A 4 -9.58 5.13 -10.57
CA SER A 4 -9.37 3.68 -10.51
C SER A 4 -10.03 3.07 -9.28
N MET A 5 -10.57 1.87 -9.45
CA MET A 5 -11.02 1.08 -8.30
C MET A 5 -10.25 -0.25 -8.35
N ARG A 6 -9.74 -0.69 -7.23
CA ARG A 6 -9.02 -1.99 -7.15
C ARG A 6 -9.47 -2.77 -5.92
N TYR A 7 -9.47 -4.09 -6.06
CA TYR A 7 -9.51 -5.06 -4.95
C TYR A 7 -8.23 -5.85 -5.04
N PHE A 8 -7.53 -5.95 -3.91
CA PHE A 8 -6.32 -6.78 -3.71
C PHE A 8 -6.67 -7.90 -2.73
N TYR A 9 -6.52 -9.16 -3.14
CA TYR A 9 -6.67 -10.36 -2.29
C TYR A 9 -5.30 -11.01 -2.06
N THR A 10 -5.06 -11.45 -0.83
CA THR A 10 -3.92 -12.31 -0.44
C THR A 10 -4.48 -13.52 0.30
N SER A 11 -4.17 -14.71 -0.20
CA SER A 11 -4.39 -16.03 0.46
C SER A 11 -3.01 -16.62 0.74
N VAL A 12 -2.80 -17.00 2.00
CA VAL A 12 -1.52 -17.57 2.52
C VAL A 12 -1.89 -18.86 3.23
N SER A 13 -1.36 -19.99 2.74
CA SER A 13 -1.38 -21.29 3.46
C SER A 13 -0.39 -21.23 4.62
N ARG A 14 -0.70 -21.94 5.70
CA ARG A 14 0.10 -21.92 6.95
C ARG A 14 0.10 -23.32 7.55
N PRO A 15 0.53 -24.36 6.80
CA PRO A 15 0.39 -25.74 7.30
C PRO A 15 1.05 -25.88 8.67
N GLY A 16 0.40 -26.59 9.58
CA GLY A 16 0.86 -26.72 10.98
C GLY A 16 0.80 -25.42 11.78
N ARG A 17 0.20 -24.33 11.27
CA ARG A 17 -0.11 -23.15 12.11
C ARG A 17 -1.64 -22.98 12.18
N GLY A 18 -2.32 -23.20 11.06
CA GLY A 18 -3.79 -23.13 10.98
C GLY A 18 -4.26 -23.23 9.54
N GLU A 19 -5.52 -22.90 9.29
CA GLU A 19 -6.10 -22.87 7.93
C GLU A 19 -5.56 -21.65 7.16
N PRO A 20 -5.61 -21.60 5.82
CA PRO A 20 -5.10 -20.45 5.09
C PRO A 20 -5.80 -19.13 5.46
N ARG A 21 -5.04 -18.05 5.54
CA ARG A 21 -5.58 -16.71 5.85
C ARG A 21 -5.97 -15.98 4.55
N PHE A 22 -7.10 -15.30 4.56
CA PHE A 22 -7.53 -14.48 3.39
C PHE A 22 -7.72 -13.02 3.83
N ILE A 23 -7.05 -12.10 3.15
CA ILE A 23 -7.17 -10.63 3.39
C ILE A 23 -7.55 -9.94 2.08
N SER A 24 -8.62 -9.17 2.12
CA SER A 24 -9.03 -8.32 0.99
C SER A 24 -8.97 -6.86 1.42
N VAL A 25 -8.54 -5.99 0.51
CA VAL A 25 -8.60 -4.52 0.67
C VAL A 25 -9.19 -3.98 -0.63
N GLY A 26 -10.06 -2.99 -0.48
CA GLY A 26 -10.62 -2.20 -1.59
C GLY A 26 -10.07 -0.79 -1.57
N TYR A 27 -9.69 -0.31 -2.74
CA TYR A 27 -9.20 1.03 -2.92
C TYR A 27 -9.86 1.79 -4.07
N VAL A 28 -10.07 3.07 -3.84
CA VAL A 28 -10.51 3.97 -4.89
C VAL A 28 -9.28 4.91 -4.97
N ASP A 29 -8.63 4.95 -6.12
CA ASP A 29 -7.45 5.78 -6.28
C ASP A 29 -6.43 5.39 -5.19
N ASP A 30 -6.00 6.32 -4.37
CA ASP A 30 -5.03 6.03 -3.32
C ASP A 30 -5.69 5.80 -1.95
N THR A 31 -7.01 5.75 -1.92
CA THR A 31 -7.79 5.61 -0.66
C THR A 31 -8.31 4.19 -0.41
N GLN A 32 -7.98 3.61 0.75
CA GLN A 32 -8.55 2.30 1.15
C GLN A 32 -9.95 2.58 1.72
N PHE A 33 -10.98 1.87 1.28
CA PHE A 33 -12.36 2.13 1.75
C PHE A 33 -12.98 0.91 2.43
N VAL A 34 -12.50 -0.31 2.20
CA VAL A 34 -12.99 -1.51 2.93
C VAL A 34 -11.82 -2.45 3.20
N ARG A 35 -12.10 -3.46 4.00
CA ARG A 35 -11.15 -4.54 4.28
C ARG A 35 -11.94 -5.75 4.79
N PHE A 36 -11.41 -6.92 4.49
CA PHE A 36 -11.85 -8.19 5.09
C PHE A 36 -10.61 -9.00 5.46
N ASP A 37 -10.56 -9.51 6.69
CA ASP A 37 -9.45 -10.34 7.18
C ASP A 37 -10.07 -11.56 7.88
N SER A 38 -9.83 -12.75 7.34
CA SER A 38 -10.36 -14.03 7.86
C SER A 38 -9.84 -14.27 9.27
N ASP A 39 -8.74 -13.63 9.70
CA ASP A 39 -8.19 -13.85 11.07
C ASP A 39 -8.90 -12.96 12.08
N ALA A 40 -9.70 -11.96 11.68
CA ALA A 40 -10.49 -11.18 12.66
C ALA A 40 -11.56 -12.09 13.26
N ALA A 41 -11.94 -11.84 14.52
CA ALA A 41 -13.00 -12.63 15.20
C ALA A 41 -14.31 -12.41 14.44
N SER A 42 -15.01 -13.48 14.03
CA SER A 42 -16.32 -13.38 13.33
C SER A 42 -16.20 -12.36 12.18
N PRO A 43 -15.29 -12.59 11.21
CA PRO A 43 -14.93 -11.59 10.24
C PRO A 43 -16.02 -11.09 9.29
N ARG A 44 -16.00 -9.78 9.06
CA ARG A 44 -16.98 -9.12 8.18
C ARG A 44 -16.26 -8.02 7.40
N GLU A 45 -16.83 -7.63 6.27
CA GLU A 45 -16.25 -6.49 5.54
C GLU A 45 -16.40 -5.28 6.45
N GLU A 46 -15.34 -4.52 6.59
CA GLU A 46 -15.38 -3.35 7.49
C GLU A 46 -15.03 -2.07 6.72
N PRO A 47 -15.62 -0.93 7.11
CA PRO A 47 -15.35 0.32 6.46
C PRO A 47 -13.96 0.88 6.86
N ARG A 48 -13.29 1.49 5.90
CA ARG A 48 -11.98 2.15 6.15
C ARG A 48 -11.98 3.62 5.69
N ALA A 49 -13.07 4.14 5.13
CA ALA A 49 -13.23 5.55 4.72
C ALA A 49 -14.60 6.02 5.18
N PRO A 50 -14.77 7.30 5.56
CA PRO A 50 -16.03 7.72 6.17
C PRO A 50 -17.20 7.66 5.18
N TRP A 51 -16.94 7.87 3.90
CA TRP A 51 -18.03 8.03 2.90
C TRP A 51 -18.67 6.66 2.53
N ILE A 52 -18.09 5.53 2.94
CA ILE A 52 -18.66 4.19 2.65
C ILE A 52 -19.62 3.78 3.78
N GLU A 53 -19.55 4.42 4.95
CA GLU A 53 -20.23 3.94 6.17
C GLU A 53 -21.75 3.97 6.00
N GLN A 54 -22.26 4.90 5.19
CA GLN A 54 -23.71 5.10 4.89
C GLN A 54 -24.30 3.91 4.10
N GLU A 55 -23.50 3.08 3.43
CA GLU A 55 -24.04 1.87 2.74
C GLU A 55 -24.81 1.02 3.76
N GLY A 56 -25.97 0.51 3.36
CA GLY A 56 -26.90 -0.21 4.25
C GLY A 56 -26.42 -1.63 4.55
N PRO A 57 -27.14 -2.32 5.45
CA PRO A 57 -26.67 -3.62 5.96
C PRO A 57 -26.55 -4.65 4.83
N GLU A 58 -27.35 -4.53 3.77
CA GLU A 58 -27.34 -5.47 2.61
C GLU A 58 -25.97 -5.46 1.94
N TYR A 59 -25.39 -4.27 1.79
CA TYR A 59 -24.05 -4.04 1.18
C TYR A 59 -23.03 -4.87 1.95
N TRP A 60 -22.94 -4.66 3.28
CA TRP A 60 -21.96 -5.29 4.19
C TRP A 60 -22.19 -6.80 4.22
N ASP A 61 -23.46 -7.22 4.33
CA ASP A 61 -23.82 -8.66 4.43
C ASP A 61 -23.41 -9.38 3.15
N ARG A 62 -23.80 -8.88 1.98
CA ARG A 62 -23.49 -9.55 0.70
C ARG A 62 -21.95 -9.58 0.49
N ASN A 63 -21.24 -8.48 0.74
CA ASN A 63 -19.78 -8.40 0.46
C ASN A 63 -19.05 -9.41 1.36
N THR A 64 -19.46 -9.51 2.63
CA THR A 64 -18.93 -10.48 3.62
C THR A 64 -19.07 -11.89 3.05
N GLN A 65 -20.25 -12.23 2.54
CA GLN A 65 -20.52 -13.55 1.92
C GLN A 65 -19.54 -13.74 0.75
N ILE A 66 -19.40 -12.74 -0.12
CA ILE A 66 -18.49 -12.82 -1.30
C ILE A 66 -17.06 -13.16 -0.84
N TYR A 67 -16.55 -12.48 0.19
CA TYR A 67 -15.15 -12.66 0.64
C TYR A 67 -14.98 -14.08 1.19
N LYS A 68 -15.94 -14.56 1.99
CA LYS A 68 -15.90 -15.93 2.57
C LYS A 68 -15.91 -16.96 1.43
N ALA A 69 -16.75 -16.79 0.40
CA ALA A 69 -16.80 -17.69 -0.77
C ALA A 69 -15.47 -17.57 -1.54
N GLN A 70 -14.94 -16.36 -1.71
CA GLN A 70 -13.65 -16.18 -2.45
C GLN A 70 -12.53 -16.85 -1.67
N ALA A 71 -12.51 -16.71 -0.36
CA ALA A 71 -11.48 -17.31 0.52
C ALA A 71 -11.48 -18.84 0.33
N GLN A 72 -12.66 -19.46 0.27
CA GLN A 72 -12.83 -20.91 0.06
C GLN A 72 -12.34 -21.30 -1.34
N THR A 73 -12.72 -20.55 -2.37
CA THR A 73 -12.24 -20.78 -3.77
C THR A 73 -10.69 -20.71 -3.77
N ASP A 74 -10.11 -19.70 -3.11
CA ASP A 74 -8.63 -19.55 -3.00
C ASP A 74 -8.05 -20.77 -2.29
N ARG A 75 -8.68 -21.30 -1.23
CA ARG A 75 -8.11 -22.49 -0.53
C ARG A 75 -8.00 -23.67 -1.51
N GLU A 76 -8.99 -23.83 -2.37
CA GLU A 76 -9.04 -24.90 -3.39
C GLU A 76 -7.99 -24.60 -4.48
N SER A 77 -7.87 -23.35 -4.94
CA SER A 77 -6.80 -22.94 -5.87
C SER A 77 -5.42 -23.29 -5.30
N LEU A 78 -5.17 -23.01 -4.02
CA LEU A 78 -3.85 -23.27 -3.37
C LEU A 78 -3.56 -24.77 -3.41
N ARG A 79 -4.54 -25.62 -3.12
CA ARG A 79 -4.38 -27.11 -3.14
C ARG A 79 -4.09 -27.53 -4.58
N ASN A 80 -4.81 -26.99 -5.56
CA ASN A 80 -4.62 -27.35 -7.00
C ASN A 80 -3.22 -26.95 -7.44
N LEU A 81 -2.81 -25.72 -7.09
CA LEU A 81 -1.52 -25.13 -7.52
C LEU A 81 -0.38 -26.01 -6.98
N ARG A 82 -0.38 -26.41 -5.71
CA ARG A 82 0.75 -27.23 -5.20
C ARG A 82 0.70 -28.61 -5.85
N GLY A 83 -0.46 -29.04 -6.35
CA GLY A 83 -0.60 -30.19 -7.27
C GLY A 83 0.15 -29.96 -8.58
N TYR A 84 -0.13 -28.85 -9.26
CA TYR A 84 0.47 -28.51 -10.57
C TYR A 84 2.00 -28.45 -10.45
N TYR A 85 2.52 -27.90 -9.36
CA TYR A 85 3.98 -27.68 -9.16
C TYR A 85 4.58 -28.85 -8.37
N ASN A 86 3.77 -29.85 -8.02
CA ASN A 86 4.21 -31.04 -7.24
C ASN A 86 4.94 -30.57 -5.97
N GLN A 87 4.37 -29.65 -5.22
CA GLN A 87 5.01 -29.02 -4.03
C GLN A 87 4.58 -29.76 -2.76
N SER A 88 5.42 -29.74 -1.73
CA SER A 88 5.15 -30.36 -0.40
C SER A 88 3.89 -29.76 0.25
N GLU A 89 3.19 -30.57 1.05
CA GLU A 89 2.02 -30.14 1.86
C GLU A 89 2.49 -29.26 3.04
N ALA A 90 3.80 -29.29 3.32
CA ALA A 90 4.42 -28.72 4.54
C ALA A 90 4.83 -27.26 4.32
N GLY A 91 4.88 -26.80 3.07
CA GLY A 91 5.29 -25.42 2.71
C GLY A 91 4.14 -24.44 2.79
N SER A 92 4.43 -23.20 3.18
CA SER A 92 3.51 -22.04 3.06
C SER A 92 3.60 -21.46 1.65
N HIS A 93 2.47 -21.22 0.99
CA HIS A 93 2.41 -20.62 -0.38
C HIS A 93 1.44 -19.44 -0.38
N THR A 94 1.56 -18.59 -1.40
CA THR A 94 0.85 -17.29 -1.49
C THR A 94 0.15 -17.22 -2.84
N LEU A 95 -1.14 -16.96 -2.83
CA LEU A 95 -1.91 -16.57 -4.04
C LEU A 95 -2.40 -15.13 -3.87
N GLN A 96 -2.00 -14.26 -4.78
CA GLN A 96 -2.47 -12.86 -4.80
C GLN A 96 -3.35 -12.65 -6.03
N SER A 97 -4.38 -11.86 -5.86
CA SER A 97 -5.29 -11.44 -6.94
C SER A 97 -5.38 -9.92 -6.90
N MET A 98 -5.46 -9.32 -8.07
CA MET A 98 -5.73 -7.88 -8.21
C MET A 98 -6.72 -7.73 -9.36
N TYR A 99 -7.70 -6.85 -9.22
CA TYR A 99 -8.66 -6.59 -10.30
C TYR A 99 -9.29 -5.22 -10.09
N GLY A 100 -9.91 -4.71 -11.14
CA GLY A 100 -10.64 -3.44 -11.09
C GLY A 100 -10.53 -2.67 -12.38
N CYS A 101 -11.00 -1.44 -12.36
CA CYS A 101 -11.33 -0.66 -13.56
C CYS A 101 -10.69 0.71 -13.42
N ASP A 102 -10.36 1.29 -14.57
CA ASP A 102 -10.02 2.73 -14.71
C ASP A 102 -11.12 3.39 -15.55
N VAL A 103 -11.62 4.53 -15.10
CA VAL A 103 -12.64 5.35 -15.83
C VAL A 103 -12.02 6.72 -16.14
N GLY A 104 -12.41 7.30 -17.27
CA GLY A 104 -11.98 8.66 -17.66
C GLY A 104 -12.83 9.72 -16.96
N PRO A 105 -12.60 11.01 -17.26
CA PRO A 105 -13.36 12.10 -16.65
C PRO A 105 -14.87 12.01 -16.86
N ASP A 106 -15.29 11.36 -17.96
CA ASP A 106 -16.71 11.13 -18.34
C ASP A 106 -17.32 10.00 -17.50
N GLY A 107 -16.48 9.19 -16.83
CA GLY A 107 -16.95 8.04 -16.05
C GLY A 107 -17.13 6.79 -16.89
N ARG A 108 -16.62 6.78 -18.12
CA ARG A 108 -16.66 5.59 -19.02
C ARG A 108 -15.42 4.73 -18.78
N LEU A 109 -15.55 3.42 -18.97
CA LEU A 109 -14.46 2.43 -18.82
C LEU A 109 -13.30 2.75 -19.77
N LEU A 110 -12.09 2.88 -19.25
CA LEU A 110 -10.85 2.97 -20.05
C LEU A 110 -10.21 1.60 -20.15
N ARG A 111 -10.09 0.86 -19.04
CA ARG A 111 -9.45 -0.48 -19.07
CA ARG A 111 -9.50 -0.50 -19.09
C ARG A 111 -9.84 -1.27 -17.81
N GLY A 112 -9.82 -2.58 -17.94
CA GLY A 112 -10.13 -3.54 -16.87
C GLY A 112 -8.90 -4.36 -16.61
N HIS A 113 -8.77 -4.85 -15.39
CA HIS A 113 -7.65 -5.69 -14.91
C HIS A 113 -8.20 -6.86 -14.11
N ASP A 114 -7.56 -8.02 -14.25
CA ASP A 114 -7.83 -9.25 -13.47
C ASP A 114 -6.60 -10.14 -13.60
N GLN A 115 -5.69 -10.09 -12.61
CA GLN A 115 -4.36 -10.74 -12.67
C GLN A 115 -4.05 -11.42 -11.34
N TYR A 116 -3.14 -12.40 -11.38
CA TYR A 116 -2.82 -13.25 -10.22
C TYR A 116 -1.32 -13.53 -10.23
N ALA A 117 -0.79 -13.68 -9.01
CA ALA A 117 0.58 -14.11 -8.72
C ALA A 117 0.55 -15.27 -7.73
N TYR A 118 1.38 -16.27 -7.99
CA TYR A 118 1.64 -17.41 -7.07
C TYR A 118 3.07 -17.30 -6.59
N ASP A 119 3.28 -17.32 -5.28
CA ASP A 119 4.62 -17.25 -4.64
C ASP A 119 5.41 -16.08 -5.25
N GLY A 120 4.75 -14.94 -5.44
CA GLY A 120 5.42 -13.67 -5.82
C GLY A 120 5.64 -13.53 -7.32
N LYS A 121 5.22 -14.48 -8.14
CA LYS A 121 5.47 -14.50 -9.61
C LYS A 121 4.14 -14.44 -10.36
N ASP A 122 4.10 -13.63 -11.43
CA ASP A 122 2.94 -13.56 -12.36
C ASP A 122 2.56 -14.98 -12.77
N TYR A 123 1.27 -15.31 -12.69
CA TYR A 123 0.72 -16.66 -12.94
C TYR A 123 -0.19 -16.61 -14.15
N ILE A 124 -1.29 -15.86 -14.07
CA ILE A 124 -2.24 -15.68 -15.21
C ILE A 124 -2.82 -14.27 -15.13
N ALA A 125 -3.10 -13.67 -16.30
CA ALA A 125 -3.69 -12.32 -16.41
C ALA A 125 -4.71 -12.30 -17.53
N LEU A 126 -5.81 -11.59 -17.29
CA LEU A 126 -6.82 -11.26 -18.31
C LEU A 126 -6.21 -10.18 -19.20
N ASN A 127 -6.19 -10.41 -20.51
CA ASN A 127 -5.67 -9.45 -21.51
C ASN A 127 -6.62 -8.26 -21.58
N GLU A 128 -6.15 -7.19 -22.21
CA GLU A 128 -6.85 -5.89 -22.32
C GLU A 128 -8.17 -6.05 -23.09
N ASP A 129 -8.29 -7.05 -23.95
CA ASP A 129 -9.56 -7.34 -24.66
C ASP A 129 -10.62 -7.81 -23.65
N LEU A 130 -10.21 -8.25 -22.45
CA LEU A 130 -11.14 -8.80 -21.41
C LEU A 130 -11.85 -10.03 -21.97
N ARG A 131 -11.19 -10.79 -22.84
CA ARG A 131 -11.77 -12.00 -23.50
C ARG A 131 -10.79 -13.18 -23.45
N SER A 132 -9.49 -12.93 -23.36
CA SER A 132 -8.46 -13.98 -23.41
C SER A 132 -7.48 -13.81 -22.22
N TRP A 133 -6.80 -14.90 -21.90
CA TRP A 133 -5.82 -15.02 -20.79
C TRP A 133 -4.42 -15.14 -21.37
N THR A 134 -3.43 -14.63 -20.66
CA THR A 134 -2.00 -14.95 -20.84
C THR A 134 -1.52 -15.72 -19.60
N ALA A 135 -1.00 -16.92 -19.81
CA ALA A 135 -0.41 -17.82 -18.79
C ALA A 135 1.11 -17.67 -18.76
N ALA A 136 1.72 -17.81 -17.57
CA ALA A 136 3.16 -17.55 -17.36
C ALA A 136 3.97 -18.82 -17.58
N ASP A 137 3.37 -20.00 -17.46
CA ASP A 137 4.09 -21.31 -17.45
C ASP A 137 3.05 -22.42 -17.69
N THR A 138 3.48 -23.67 -17.72
CA THR A 138 2.61 -24.82 -18.11
C THR A 138 1.54 -25.08 -17.03
N ALA A 139 1.82 -24.83 -15.74
CA ALA A 139 0.81 -24.87 -14.65
C ALA A 139 -0.34 -23.92 -14.96
N ALA A 140 -0.02 -22.67 -15.31
CA ALA A 140 -1.02 -21.58 -15.56
C ALA A 140 -1.84 -21.90 -16.82
N GLN A 141 -1.26 -22.68 -17.75
CA GLN A 141 -1.97 -23.14 -18.97
C GLN A 141 -3.05 -24.14 -18.60
N ILE A 142 -2.86 -24.93 -17.54
CA ILE A 142 -3.96 -25.78 -16.98
C ILE A 142 -5.13 -24.86 -16.57
N THR A 143 -4.85 -23.89 -15.71
CA THR A 143 -5.87 -22.92 -15.22
C THR A 143 -6.56 -22.30 -16.43
N GLN A 144 -5.77 -21.89 -17.43
CA GLN A 144 -6.26 -21.20 -18.64
C GLN A 144 -7.26 -22.08 -19.39
N ARG A 145 -6.94 -23.35 -19.62
CA ARG A 145 -7.86 -24.30 -20.33
C ARG A 145 -9.16 -24.42 -19.51
N LYS A 146 -9.04 -24.58 -18.19
CA LYS A 146 -10.19 -24.69 -17.26
C LYS A 146 -11.07 -23.44 -17.37
N TRP A 147 -10.45 -22.27 -17.28
CA TRP A 147 -11.17 -20.96 -17.25
C TRP A 147 -11.80 -20.64 -18.62
N GLU A 148 -11.15 -21.03 -19.73
CA GLU A 148 -11.72 -20.96 -21.10
C GLU A 148 -12.97 -21.84 -21.18
N ALA A 149 -12.87 -23.10 -20.72
CA ALA A 149 -13.98 -24.08 -20.73
C ALA A 149 -15.16 -23.51 -19.95
N ALA A 150 -14.91 -22.91 -18.78
CA ALA A 150 -15.95 -22.31 -17.90
C ALA A 150 -16.34 -20.91 -18.36
N ARG A 151 -15.70 -20.34 -19.39
CA ARG A 151 -15.96 -18.95 -19.87
C ARG A 151 -15.79 -17.94 -18.73
N GLU A 152 -14.75 -18.08 -17.91
CA GLU A 152 -14.43 -17.17 -16.79
C GLU A 152 -14.27 -15.74 -17.28
N ALA A 153 -13.59 -15.53 -18.41
CA ALA A 153 -13.34 -14.18 -18.99
C ALA A 153 -14.64 -13.38 -19.07
N GLU A 154 -15.73 -13.99 -19.53
CA GLU A 154 -17.03 -13.29 -19.66
C GLU A 154 -17.58 -12.90 -18.28
N GLN A 155 -17.36 -13.71 -17.25
CA GLN A 155 -17.75 -13.36 -15.86
C GLN A 155 -16.95 -12.11 -15.42
N ARG A 156 -15.66 -12.10 -15.73
CA ARG A 156 -14.75 -10.98 -15.37
C ARG A 156 -15.20 -9.73 -16.12
N ARG A 157 -15.41 -9.84 -17.42
CA ARG A 157 -15.78 -8.69 -18.29
C ARG A 157 -17.08 -8.08 -17.77
N ALA A 158 -18.07 -8.91 -17.41
CA ALA A 158 -19.40 -8.42 -16.96
C ALA A 158 -19.19 -7.53 -15.73
N TYR A 159 -18.36 -7.96 -14.78
CA TYR A 159 -18.01 -7.15 -13.59
C TYR A 159 -17.34 -5.84 -14.01
N LEU A 160 -16.29 -5.93 -14.85
CA LEU A 160 -15.42 -4.77 -15.15
C LEU A 160 -16.20 -3.72 -15.94
N GLU A 161 -17.16 -4.14 -16.78
CA GLU A 161 -17.97 -3.22 -17.61
C GLU A 161 -19.23 -2.80 -16.85
N GLY A 162 -19.65 -3.57 -15.84
CA GLY A 162 -20.90 -3.28 -15.11
C GLY A 162 -20.63 -2.72 -13.73
N GLU A 163 -20.63 -3.59 -12.73
CA GLU A 163 -20.57 -3.22 -11.29
C GLU A 163 -19.31 -2.41 -11.01
N CYS A 164 -18.17 -2.77 -11.60
CA CYS A 164 -16.90 -2.07 -11.26
C CYS A 164 -17.08 -0.58 -11.52
N VAL A 165 -17.48 -0.24 -12.75
CA VAL A 165 -17.70 1.15 -13.24
C VAL A 165 -18.85 1.81 -12.47
N GLU A 166 -19.93 1.09 -12.21
CA GLU A 166 -21.15 1.69 -11.60
C GLU A 166 -20.87 1.98 -10.12
N TRP A 167 -20.25 1.04 -9.40
CA TRP A 167 -19.90 1.28 -7.98
C TRP A 167 -18.80 2.37 -7.87
N LEU A 168 -17.78 2.35 -8.72
CA LEU A 168 -16.74 3.41 -8.69
C LEU A 168 -17.41 4.76 -8.85
N ARG A 169 -18.34 4.90 -9.80
CA ARG A 169 -19.01 6.20 -10.03
C ARG A 169 -19.79 6.58 -8.78
N ARG A 170 -20.47 5.62 -8.14
CA ARG A 170 -21.23 5.91 -6.90
C ARG A 170 -20.28 6.37 -5.80
N TYR A 171 -19.11 5.73 -5.66
CA TYR A 171 -18.13 6.06 -4.59
C TYR A 171 -17.54 7.46 -4.83
N LEU A 172 -17.21 7.78 -6.08
CA LEU A 172 -16.73 9.12 -6.51
C LEU A 172 -17.75 10.23 -6.24
N GLU A 173 -19.07 9.95 -6.30
CA GLU A 173 -20.08 10.96 -5.90
C GLU A 173 -20.15 11.05 -4.36
N ASN A 174 -20.28 9.94 -3.65
CA ASN A 174 -20.44 9.91 -2.15
C ASN A 174 -19.14 10.36 -1.45
N GLY A 175 -17.99 10.01 -1.98
CA GLY A 175 -16.72 10.44 -1.37
C GLY A 175 -16.06 11.54 -2.18
N LYS A 176 -16.81 12.32 -2.95
CA LYS A 176 -16.20 13.34 -3.78
C LYS A 176 -15.37 14.36 -3.00
N ASP A 177 -15.80 14.73 -1.79
CA ASP A 177 -15.00 15.68 -0.98
C ASP A 177 -13.58 15.17 -0.68
N LYS A 178 -13.33 13.86 -0.66
CA LYS A 178 -12.01 13.28 -0.36
C LYS A 178 -11.37 12.61 -1.58
N LEU A 179 -12.12 12.36 -2.65
CA LEU A 179 -11.59 11.63 -3.82
C LEU A 179 -11.43 12.53 -5.04
N GLU A 180 -12.35 13.46 -5.21
CA GLU A 180 -12.34 14.42 -6.33
C GLU A 180 -11.49 15.64 -5.94
N ARG A 181 -11.15 15.78 -4.66
CA ARG A 181 -10.32 16.92 -4.18
C ARG A 181 -8.98 16.41 -3.67
N ALA A 182 -7.93 17.18 -3.92
CA ALA A 182 -6.57 16.93 -3.41
C ALA A 182 -6.36 17.71 -2.11
N ASP A 183 -5.61 17.15 -1.17
CA ASP A 183 -5.18 17.90 0.04
C ASP A 183 -3.70 18.22 -0.13
N PRO A 184 -3.32 19.51 -0.13
CA PRO A 184 -1.92 19.89 -0.25
C PRO A 184 -1.13 19.48 0.99
N PRO A 185 0.19 19.37 0.85
CA PRO A 185 1.04 19.06 2.00
C PRO A 185 1.16 20.26 2.94
N LYS A 186 1.40 19.99 4.22
CA LYS A 186 2.09 20.93 5.11
C LYS A 186 3.58 20.82 4.79
N THR A 187 4.25 21.96 4.60
CA THR A 187 5.66 22.01 4.13
C THR A 187 6.52 22.80 5.12
N HIS A 188 7.77 22.39 5.23
CA HIS A 188 8.81 23.17 5.95
C HIS A 188 10.17 22.63 5.55
N VAL A 189 11.20 23.40 5.85
CA VAL A 189 12.61 22.99 5.64
C VAL A 189 13.27 22.94 7.01
N THR A 190 13.98 21.85 7.30
CA THR A 190 14.77 21.73 8.52
C THR A 190 16.25 21.68 8.16
N HIS A 191 17.09 22.06 9.12
CA HIS A 191 18.55 22.26 8.97
C HIS A 191 19.23 21.28 9.91
N HIS A 192 20.17 20.47 9.41
CA HIS A 192 20.86 19.39 10.17
C HIS A 192 22.35 19.44 9.87
N PRO A 193 23.20 20.08 10.72
CA PRO A 193 24.66 19.95 10.60
C PRO A 193 25.16 18.51 10.53
N ILE A 194 26.07 18.19 9.60
CA ILE A 194 26.60 16.79 9.39
C ILE A 194 28.11 16.72 9.68
N SER A 195 28.84 17.81 9.46
CA SER A 195 30.32 17.92 9.60
C SER A 195 30.62 19.34 10.06
N ASP A 196 31.85 19.82 9.90
CA ASP A 196 32.20 21.14 10.43
C ASP A 196 31.62 22.26 9.55
N HIS A 197 31.52 22.10 8.24
CA HIS A 197 31.21 23.24 7.33
C HIS A 197 29.91 23.02 6.52
N GLU A 198 29.30 21.83 6.62
CA GLU A 198 28.12 21.44 5.81
C GLU A 198 26.91 21.17 6.72
N ALA A 199 25.72 21.34 6.13
CA ALA A 199 24.38 21.09 6.71
C ALA A 199 23.51 20.36 5.66
N THR A 200 22.74 19.37 6.12
CA THR A 200 21.63 18.78 5.35
C THR A 200 20.46 19.75 5.45
N LEU A 201 19.90 20.17 4.31
CA LEU A 201 18.58 20.83 4.22
C LEU A 201 17.56 19.77 3.81
N ARG A 202 16.49 19.63 4.58
CA ARG A 202 15.46 18.59 4.34
C ARG A 202 14.14 19.31 4.15
N CYS A 203 13.58 19.13 2.97
CA CYS A 203 12.29 19.70 2.54
C CYS A 203 11.22 18.65 2.79
N TRP A 204 10.23 19.00 3.62
CA TRP A 204 9.19 18.09 4.16
C TRP A 204 7.86 18.39 3.47
N ALA A 205 7.17 17.37 3.00
CA ALA A 205 5.76 17.46 2.56
C ALA A 205 4.95 16.46 3.40
N LEU A 206 4.08 16.93 4.27
CA LEU A 206 3.33 16.07 5.23
C LEU A 206 1.81 16.22 5.04
N GLY A 207 1.14 15.07 5.09
CA GLY A 207 -0.32 14.96 5.01
C GLY A 207 -0.91 15.29 3.65
N PHE A 208 -0.28 14.93 2.54
CA PHE A 208 -0.86 15.29 1.23
C PHE A 208 -1.64 14.10 0.64
N TYR A 209 -2.59 14.40 -0.25
CA TYR A 209 -3.41 13.40 -0.98
C TYR A 209 -3.81 13.99 -2.34
N PRO A 210 -3.62 13.30 -3.49
CA PRO A 210 -3.06 11.96 -3.55
C PRO A 210 -1.55 11.85 -3.35
N ALA A 211 -1.03 10.63 -3.47
CA ALA A 211 0.39 10.29 -3.25
C ALA A 211 1.35 10.95 -4.25
N GLU A 212 0.92 11.14 -5.48
CA GLU A 212 1.75 11.76 -6.52
C GLU A 212 2.23 13.16 -6.07
N ILE A 213 3.53 13.40 -6.12
CA ILE A 213 4.16 14.67 -5.66
C ILE A 213 5.56 14.77 -6.26
N THR A 214 6.03 15.99 -6.48
CA THR A 214 7.45 16.23 -6.89
C THR A 214 8.04 17.24 -5.93
N LEU A 215 9.13 16.86 -5.29
CA LEU A 215 9.98 17.74 -4.45
C LEU A 215 11.30 17.90 -5.20
N THR A 216 11.70 19.13 -5.50
CA THR A 216 12.98 19.45 -6.20
C THR A 216 13.75 20.50 -5.39
N TRP A 217 15.04 20.28 -5.19
CA TRP A 217 15.99 21.28 -4.71
C TRP A 217 16.62 22.01 -5.90
N GLN A 218 16.66 23.34 -5.83
CA GLN A 218 17.56 24.14 -6.71
C GLN A 218 18.59 24.90 -5.87
N ARG A 219 19.78 25.11 -6.44
CA ARG A 219 20.84 26.02 -5.93
C ARG A 219 20.98 27.16 -6.94
N ASP A 220 20.59 28.38 -6.56
CA ASP A 220 20.58 29.55 -7.48
C ASP A 220 19.83 29.18 -8.76
N GLY A 221 18.67 28.53 -8.65
CA GLY A 221 17.83 28.21 -9.80
C GLY A 221 18.31 26.97 -10.55
N GLU A 222 19.42 26.36 -10.15
CA GLU A 222 19.99 25.17 -10.84
C GLU A 222 19.50 23.88 -10.17
N ASP A 223 18.92 22.99 -10.97
CA ASP A 223 18.38 21.68 -10.51
C ASP A 223 19.46 20.86 -9.78
N GLN A 224 19.18 20.44 -8.55
CA GLN A 224 20.08 19.62 -7.71
C GLN A 224 19.57 18.18 -7.58
N THR A 225 18.75 17.71 -8.50
CA THR A 225 18.14 16.34 -8.44
C THR A 225 19.22 15.26 -8.34
N GLN A 226 20.32 15.41 -9.06
CA GLN A 226 21.43 14.41 -9.04
C GLN A 226 22.07 14.31 -7.65
N ASP A 227 22.07 15.38 -6.86
CA ASP A 227 22.64 15.33 -5.49
C ASP A 227 21.52 15.29 -4.42
N THR A 228 20.27 15.04 -4.79
CA THR A 228 19.16 15.04 -3.81
C THR A 228 18.82 13.63 -3.31
N GLU A 229 18.61 13.48 -1.99
CA GLU A 229 18.17 12.20 -1.39
C GLU A 229 16.65 12.29 -1.19
N LEU A 230 15.89 11.46 -1.89
CA LEU A 230 14.42 11.35 -1.83
C LEU A 230 14.08 10.09 -1.03
N VAL A 231 13.17 10.17 -0.07
CA VAL A 231 12.64 8.93 0.57
C VAL A 231 11.40 8.52 -0.22
N GLU A 232 11.11 7.23 -0.22
CA GLU A 232 9.87 6.71 -0.82
C GLU A 232 8.69 7.37 -0.12
N THR A 233 7.68 7.74 -0.89
CA THR A 233 6.41 8.27 -0.34
C THR A 233 5.87 7.24 0.66
N ARG A 234 5.38 7.71 1.80
CA ARG A 234 5.01 6.85 2.94
C ARG A 234 3.67 7.32 3.51
N PRO A 235 2.87 6.38 4.02
CA PRO A 235 1.56 6.72 4.58
C PRO A 235 1.74 7.46 5.92
N ALA A 236 1.02 8.55 6.13
CA ALA A 236 0.96 9.26 7.41
C ALA A 236 0.20 8.42 8.43
N GLY A 237 -0.72 7.59 7.93
CA GLY A 237 -1.54 6.69 8.75
C GLY A 237 -2.98 7.17 8.87
N ASP A 238 -3.29 8.32 8.30
CA ASP A 238 -4.64 8.86 8.31
C ASP A 238 -5.33 8.93 6.93
N ARG A 239 -4.70 8.33 5.94
CA ARG A 239 -5.06 8.28 4.52
C ARG A 239 -4.18 9.22 3.68
N THR A 240 -3.54 10.17 4.32
CA THR A 240 -2.62 11.09 3.65
C THR A 240 -1.22 10.51 3.59
N PHE A 241 -0.34 11.17 2.85
CA PHE A 241 1.04 10.70 2.63
C PHE A 241 2.09 11.71 3.11
N GLN A 242 3.35 11.28 3.13
CA GLN A 242 4.53 12.07 3.55
C GLN A 242 5.66 11.82 2.55
N LYS A 243 6.51 12.82 2.37
CA LYS A 243 7.75 12.63 1.60
C LYS A 243 8.71 13.73 2.02
N TRP A 244 10.01 13.49 1.90
CA TRP A 244 10.99 14.57 2.02
C TRP A 244 12.12 14.35 1.00
N ALA A 245 12.83 15.44 0.74
CA ALA A 245 14.00 15.55 -0.16
C ALA A 245 15.10 16.32 0.60
N ALA A 246 16.32 15.79 0.62
CA ALA A 246 17.47 16.29 1.39
C ALA A 246 18.64 16.60 0.44
N VAL A 247 19.28 17.76 0.61
CA VAL A 247 20.61 18.08 -0.02
C VAL A 247 21.60 18.47 1.07
N VAL A 248 22.87 18.21 0.82
CA VAL A 248 24.01 18.69 1.66
C VAL A 248 24.52 20.01 1.10
N VAL A 249 24.51 21.08 1.91
CA VAL A 249 24.89 22.45 1.45
C VAL A 249 25.99 22.99 2.36
N PRO A 250 26.80 23.94 1.87
CA PRO A 250 27.73 24.70 2.72
C PRO A 250 26.99 25.59 3.73
N SER A 251 27.36 25.48 5.00
CA SER A 251 26.79 26.26 6.11
C SER A 251 26.85 27.75 5.74
N GLY A 252 25.75 28.48 5.90
CA GLY A 252 25.64 29.92 5.56
C GLY A 252 25.13 30.18 4.13
N GLU A 253 25.15 29.18 3.24
CA GLU A 253 24.69 29.31 1.83
C GLU A 253 23.27 28.74 1.63
N GLU A 254 22.54 28.54 2.73
CA GLU A 254 21.23 27.84 2.73
C GLU A 254 20.24 28.66 1.90
N GLN A 255 20.37 30.00 1.87
CA GLN A 255 19.35 30.86 1.18
C GLN A 255 19.52 30.76 -0.33
N ARG A 256 20.62 30.19 -0.80
CA ARG A 256 20.79 29.85 -2.24
C ARG A 256 19.84 28.71 -2.66
N TYR A 257 19.42 27.86 -1.72
CA TYR A 257 18.63 26.63 -2.00
C TYR A 257 17.13 26.88 -1.85
N THR A 258 16.39 26.60 -2.93
CA THR A 258 14.91 26.64 -2.96
C THR A 258 14.43 25.20 -3.12
N CYS A 259 13.45 24.82 -2.29
CA CYS A 259 12.71 23.56 -2.46
C CYS A 259 11.43 23.89 -3.24
N HIS A 260 11.16 23.14 -4.29
CA HIS A 260 10.01 23.38 -5.19
C HIS A 260 9.04 22.20 -4.99
N VAL A 261 7.81 22.50 -4.62
CA VAL A 261 6.79 21.47 -4.28
C VAL A 261 5.68 21.54 -5.32
N GLN A 262 5.51 20.46 -6.09
CA GLN A 262 4.41 20.31 -7.08
C GLN A 262 3.44 19.24 -6.58
N HIS A 263 2.17 19.61 -6.40
CA HIS A 263 1.09 18.70 -5.93
C HIS A 263 -0.25 19.22 -6.44
N GLU A 264 -1.18 18.32 -6.75
CA GLU A 264 -2.52 18.66 -7.31
C GLU A 264 -3.28 19.55 -6.32
N GLY A 265 -2.99 19.46 -5.02
CA GLY A 265 -3.63 20.27 -3.98
C GLY A 265 -3.14 21.71 -3.97
N LEU A 266 -2.05 22.02 -4.67
CA LEU A 266 -1.47 23.38 -4.71
C LEU A 266 -1.87 24.07 -6.02
N PRO A 267 -2.64 25.17 -5.94
CA PRO A 267 -3.00 25.94 -7.13
C PRO A 267 -1.72 26.39 -7.86
N LYS A 268 -0.70 26.86 -7.12
CA LYS A 268 0.64 27.17 -7.69
C LYS A 268 1.69 26.34 -6.98
N PRO A 269 2.74 25.85 -7.67
CA PRO A 269 3.82 25.13 -7.00
C PRO A 269 4.44 26.04 -5.94
N LEU A 270 4.90 25.49 -4.81
CA LEU A 270 5.53 26.29 -3.73
C LEU A 270 7.02 26.38 -4.01
N THR A 271 7.64 27.47 -3.54
CA THR A 271 9.10 27.64 -3.43
C THR A 271 9.42 27.89 -1.95
N LEU A 272 10.23 27.05 -1.33
CA LEU A 272 10.51 27.14 0.11
C LEU A 272 12.00 27.32 0.29
N ARG A 273 12.37 28.09 1.30
CA ARG A 273 13.76 28.30 1.74
C ARG A 273 13.85 27.97 3.23
N TRP A 274 15.03 27.59 3.68
CA TRP A 274 15.29 27.43 5.13
C TRP A 274 15.14 28.79 5.81
N GLU A 275 14.35 28.83 6.89
CA GLU A 275 14.00 30.03 7.70
C GLU A 275 14.28 29.72 9.18
N MET B 1 8.97 -19.54 -6.36
CA MET B 1 9.11 -19.00 -4.97
C MET B 1 10.08 -17.80 -4.97
N ILE B 2 9.54 -16.61 -5.21
CA ILE B 2 10.26 -15.31 -5.10
C ILE B 2 10.34 -14.96 -3.61
N GLN B 3 11.47 -14.40 -3.18
CA GLN B 3 11.60 -13.73 -1.86
C GLN B 3 12.11 -12.30 -2.10
N ARG B 4 11.54 -11.31 -1.40
CA ARG B 4 11.99 -9.90 -1.48
C ARG B 4 12.18 -9.35 -0.07
N THR B 5 13.22 -8.53 0.09
CA THR B 5 13.71 -8.06 1.40
C THR B 5 12.93 -6.81 1.81
N PRO B 6 12.43 -6.71 3.06
CA PRO B 6 11.71 -5.52 3.49
C PRO B 6 12.55 -4.24 3.51
N LYS B 7 11.97 -3.16 2.96
CA LYS B 7 12.39 -1.77 3.18
C LYS B 7 11.68 -1.27 4.43
N ILE B 8 12.35 -0.44 5.23
CA ILE B 8 11.79 0.01 6.53
C ILE B 8 11.94 1.52 6.63
N GLN B 9 10.87 2.25 6.96
CA GLN B 9 10.99 3.64 7.43
C GLN B 9 10.30 3.76 8.80
N VAL B 10 10.95 4.45 9.71
CA VAL B 10 10.43 4.73 11.07
C VAL B 10 10.29 6.25 11.16
N TYR B 11 9.10 6.73 11.48
CA TYR B 11 8.83 8.19 11.49
C TYR B 11 7.59 8.50 12.32
N SER B 12 7.38 9.78 12.61
CA SER B 12 6.18 10.23 13.34
C SER B 12 5.17 10.78 12.33
N ARG B 13 3.89 10.66 12.65
CA ARG B 13 2.82 11.19 11.75
C ARG B 13 2.97 12.70 11.62
N HIS B 14 3.23 13.38 12.76
CA HIS B 14 3.37 14.85 12.87
C HIS B 14 4.77 15.22 13.34
N PRO B 15 5.23 16.46 13.09
CA PRO B 15 6.56 16.87 13.52
C PRO B 15 6.62 16.77 15.07
N ALA B 16 7.67 16.14 15.57
CA ALA B 16 7.84 15.76 16.99
C ALA B 16 8.06 17.01 17.84
N GLU B 17 7.46 17.01 19.01
CA GLU B 17 7.63 18.04 20.02
C GLU B 17 7.68 17.25 21.32
N ASN B 18 8.76 17.35 22.06
CA ASN B 18 8.85 16.62 23.31
C ASN B 18 7.69 16.98 24.21
N GLY B 19 6.98 15.99 24.70
CA GLY B 19 5.85 16.22 25.54
C GLY B 19 4.48 16.22 24.91
N LYS B 20 4.39 16.29 23.59
CA LYS B 20 3.11 16.30 22.85
C LYS B 20 2.76 14.99 22.16
N SER B 21 1.50 14.61 22.24
CA SER B 21 0.93 13.34 21.71
C SER B 21 1.12 13.29 20.18
N ASN B 22 1.50 12.13 19.66
CA ASN B 22 1.93 11.94 18.26
C ASN B 22 1.69 10.47 17.93
N PHE B 23 2.14 10.02 16.76
CA PHE B 23 2.04 8.60 16.35
C PHE B 23 3.40 8.18 15.81
N LEU B 24 3.88 7.04 16.31
CA LEU B 24 5.12 6.39 15.88
C LEU B 24 4.74 5.38 14.79
N ASN B 25 5.30 5.59 13.59
CA ASN B 25 5.02 4.78 12.39
C ASN B 25 6.25 3.94 12.05
N CYS B 26 6.02 2.68 11.72
CA CYS B 26 7.00 1.80 11.09
C CYS B 26 6.38 1.27 9.82
N TYR B 27 6.84 1.78 8.68
CA TYR B 27 6.34 1.41 7.34
C TYR B 27 7.29 0.39 6.72
N VAL B 28 6.77 -0.80 6.47
CA VAL B 28 7.55 -1.96 5.95
C VAL B 28 6.98 -2.27 4.58
N SER B 29 7.83 -2.32 3.57
CA SER B 29 7.37 -2.44 2.17
C SER B 29 8.36 -3.26 1.36
N GLY B 30 7.94 -3.66 0.15
CA GLY B 30 8.80 -4.38 -0.81
C GLY B 30 9.17 -5.78 -0.35
N PHE B 31 8.38 -6.40 0.53
CA PHE B 31 8.71 -7.75 1.09
C PHE B 31 7.85 -8.85 0.44
N HIS B 32 8.41 -10.05 0.40
CA HIS B 32 7.72 -11.31 -0.03
C HIS B 32 8.50 -12.47 0.56
N PRO B 33 7.85 -13.47 1.19
CA PRO B 33 6.40 -13.53 1.35
C PRO B 33 5.88 -12.67 2.52
N SER B 34 4.61 -12.86 2.90
CA SER B 34 3.85 -11.90 3.75
C SER B 34 4.15 -12.16 5.23
N ASP B 35 4.62 -13.36 5.58
CA ASP B 35 4.95 -13.69 7.00
C ASP B 35 6.05 -12.75 7.49
N ILE B 36 5.78 -12.01 8.55
CA ILE B 36 6.71 -10.96 9.06
C ILE B 36 6.38 -10.68 10.51
N GLU B 37 7.39 -10.35 11.31
CA GLU B 37 7.26 -9.90 12.71
C GLU B 37 7.69 -8.45 12.74
N VAL B 38 6.84 -7.56 13.23
CA VAL B 38 7.17 -6.12 13.40
C VAL B 38 6.83 -5.71 14.82
N ASP B 39 7.80 -5.15 15.54
CA ASP B 39 7.60 -4.63 16.90
C ASP B 39 8.04 -3.19 16.95
N LEU B 40 7.37 -2.36 17.74
CA LEU B 40 7.87 -1.02 18.07
C LEU B 40 8.58 -1.15 19.42
N LEU B 41 9.72 -0.47 19.57
CA LEU B 41 10.58 -0.57 20.78
C LEU B 41 10.65 0.79 21.45
N LYS B 42 10.69 0.76 22.80
CA LYS B 42 11.03 1.92 23.64
C LYS B 42 12.25 1.52 24.46
N ASN B 43 13.35 2.24 24.31
CA ASN B 43 14.64 1.92 24.99
C ASN B 43 14.93 0.43 24.85
N GLY B 44 14.75 -0.08 23.63
CA GLY B 44 15.11 -1.46 23.21
C GLY B 44 14.14 -2.51 23.67
N GLU B 45 12.99 -2.16 24.26
CA GLU B 45 12.01 -3.15 24.76
C GLU B 45 10.67 -3.02 23.99
N ARG B 46 9.99 -4.15 23.81
CA ARG B 46 8.82 -4.32 22.94
C ARG B 46 7.63 -3.57 23.53
N ILE B 47 7.03 -2.63 22.80
CA ILE B 47 5.77 -1.95 23.16
C ILE B 47 4.63 -2.95 22.90
N GLU B 48 3.72 -3.11 23.86
CA GLU B 48 2.64 -4.12 23.82
C GLU B 48 1.52 -3.66 22.87
N LYS B 49 1.08 -2.40 22.88
CA LYS B 49 -0.13 -1.98 22.14
C LYS B 49 0.28 -1.30 20.83
N VAL B 50 0.28 -2.07 19.74
CA VAL B 50 0.69 -1.63 18.38
C VAL B 50 -0.42 -2.03 17.40
N GLU B 51 -0.90 -1.07 16.63
CA GLU B 51 -1.90 -1.25 15.55
C GLU B 51 -1.16 -1.56 14.23
N HIS B 52 -1.84 -2.22 13.30
CA HIS B 52 -1.30 -2.47 11.93
C HIS B 52 -2.38 -2.24 10.88
N SER B 53 -1.94 -1.86 9.68
CA SER B 53 -2.77 -1.71 8.48
C SER B 53 -3.18 -3.09 7.95
N ASP B 54 -4.13 -3.11 7.03
CA ASP B 54 -4.54 -4.32 6.27
C ASP B 54 -3.51 -4.59 5.16
N LEU B 55 -3.02 -5.83 5.13
CA LEU B 55 -2.05 -6.30 4.11
C LEU B 55 -2.49 -5.86 2.72
N SER B 56 -1.58 -5.22 2.00
CA SER B 56 -1.75 -4.78 0.61
C SER B 56 -0.41 -4.94 -0.08
N PHE B 57 -0.34 -4.64 -1.38
CA PHE B 57 0.87 -4.91 -2.16
C PHE B 57 0.92 -3.98 -3.36
N SER B 58 2.11 -3.83 -3.92
CA SER B 58 2.48 -2.91 -5.01
C SER B 58 2.46 -3.65 -6.36
N LYS B 59 2.80 -2.91 -7.42
CA LYS B 59 2.72 -3.37 -8.83
C LYS B 59 3.61 -4.59 -9.09
N ASP B 60 4.65 -4.78 -8.29
CA ASP B 60 5.55 -5.95 -8.42
C ASP B 60 5.08 -7.08 -7.49
N TRP B 61 3.93 -6.93 -6.82
CA TRP B 61 3.26 -7.95 -5.96
C TRP B 61 3.88 -7.96 -4.55
N SER B 62 4.86 -7.11 -4.28
CA SER B 62 5.53 -7.06 -2.96
C SER B 62 4.59 -6.39 -1.97
N PHE B 63 4.58 -6.88 -0.74
CA PHE B 63 3.65 -6.48 0.35
C PHE B 63 4.10 -5.18 1.02
N TYR B 64 3.14 -4.45 1.59
CA TYR B 64 3.45 -3.36 2.54
C TYR B 64 2.45 -3.41 3.71
N LEU B 65 2.97 -3.07 4.91
CA LEU B 65 2.19 -2.86 6.15
C LEU B 65 2.70 -1.60 6.85
N LEU B 66 1.78 -0.89 7.49
CA LEU B 66 2.08 0.16 8.48
C LEU B 66 1.78 -0.39 9.87
N TYR B 67 2.76 -0.33 10.77
CA TYR B 67 2.58 -0.57 12.22
C TYR B 67 2.75 0.77 12.93
N TYR B 68 1.91 1.05 13.92
CA TYR B 68 1.88 2.38 14.55
C TYR B 68 1.30 2.28 15.96
N THR B 69 1.67 3.25 16.79
CA THR B 69 1.08 3.45 18.13
C THR B 69 1.10 4.94 18.46
N GLU B 70 0.17 5.36 19.30
CA GLU B 70 0.20 6.70 19.81
C GLU B 70 1.41 6.71 20.76
N PHE B 71 2.09 7.83 20.88
CA PHE B 71 3.26 8.00 21.78
C PHE B 71 3.50 9.48 22.01
N THR B 72 4.26 9.78 23.07
CA THR B 72 4.68 11.16 23.43
C THR B 72 6.19 11.15 23.40
N PRO B 73 6.83 11.71 22.35
CA PRO B 73 8.29 11.74 22.30
C PRO B 73 8.88 12.51 23.49
N THR B 74 10.12 12.17 23.88
CA THR B 74 10.93 12.86 24.92
C THR B 74 12.36 13.03 24.42
N GLU B 75 13.19 13.77 25.16
CA GLU B 75 14.59 14.00 24.75
C GLU B 75 15.38 12.69 24.89
N LYS B 76 15.12 11.90 25.95
CA LYS B 76 16.04 10.82 26.42
C LYS B 76 15.57 9.43 25.95
N ASP B 77 14.29 9.27 25.63
CA ASP B 77 13.75 7.93 25.30
C ASP B 77 14.04 7.68 23.82
N GLU B 78 14.53 6.50 23.52
CA GLU B 78 14.80 6.01 22.15
C GLU B 78 13.61 5.14 21.70
N TYR B 79 13.13 5.36 20.49
CA TYR B 79 12.07 4.52 19.86
C TYR B 79 12.67 3.91 18.61
N ALA B 80 12.21 2.73 18.26
CA ALA B 80 12.75 1.99 17.11
C ALA B 80 11.67 1.04 16.62
N CYS B 81 11.92 0.46 15.46
CA CYS B 81 11.12 -0.61 14.85
C CYS B 81 12.04 -1.81 14.67
N ARG B 82 11.56 -3.00 15.01
CA ARG B 82 12.29 -4.28 14.86
C ARG B 82 11.47 -5.18 13.93
N VAL B 83 12.11 -5.65 12.88
CA VAL B 83 11.48 -6.45 11.80
C VAL B 83 12.24 -7.76 11.66
N ASN B 84 11.49 -8.85 11.59
CA ASN B 84 12.04 -10.17 11.24
C ASN B 84 11.25 -10.72 10.06
N HIS B 85 11.99 -11.28 9.12
CA HIS B 85 11.49 -11.81 7.82
C HIS B 85 12.46 -12.90 7.35
N VAL B 86 12.01 -13.85 6.54
CA VAL B 86 12.86 -14.98 6.07
C VAL B 86 14.09 -14.45 5.28
N THR B 87 14.01 -13.28 4.64
CA THR B 87 15.10 -12.69 3.82
C THR B 87 16.18 -12.02 4.69
N LEU B 88 15.99 -11.93 6.01
CA LEU B 88 16.93 -11.18 6.88
C LEU B 88 17.82 -12.19 7.59
N SER B 89 19.10 -11.85 7.72
CA SER B 89 20.12 -12.70 8.40
C SER B 89 19.77 -12.72 9.88
N GLN B 90 19.21 -11.61 10.38
CA GLN B 90 18.73 -11.43 11.78
C GLN B 90 17.68 -10.32 11.83
N PRO B 91 16.96 -10.18 12.97
CA PRO B 91 16.04 -9.06 13.17
C PRO B 91 16.74 -7.74 12.87
N LYS B 92 16.12 -6.94 12.01
CA LYS B 92 16.63 -5.60 11.65
C LYS B 92 15.98 -4.58 12.58
N ILE B 93 16.79 -3.74 13.23
CA ILE B 93 16.29 -2.63 14.09
C ILE B 93 16.63 -1.32 13.40
N VAL B 94 15.64 -0.48 13.16
CA VAL B 94 15.82 0.91 12.66
C VAL B 94 15.32 1.84 13.73
N LYS B 95 16.16 2.77 14.17
CA LYS B 95 15.83 3.73 15.23
C LYS B 95 15.03 4.86 14.62
N TRP B 96 14.13 5.40 15.42
CA TRP B 96 13.41 6.65 15.10
C TRP B 96 14.36 7.83 15.24
N ASP B 97 14.50 8.59 14.15
CA ASP B 97 15.18 9.91 14.13
C ASP B 97 14.11 10.97 13.82
N ARG B 98 13.82 11.89 14.73
CA ARG B 98 12.71 12.86 14.53
C ARG B 98 12.95 13.72 13.27
N ASP B 99 14.19 13.75 12.76
CA ASP B 99 14.62 14.61 11.62
C ASP B 99 14.43 13.89 10.29
N MET B 100 13.82 12.69 10.29
CA MET B 100 13.64 11.89 9.04
C MET B 100 12.30 11.13 8.95
N GLU C 1 -17.86 -2.34 -4.91
CA GLU C 1 -18.29 -3.63 -4.35
C GLU C 1 -17.45 -4.72 -5.01
N PRO C 2 -17.10 -5.79 -4.28
CA PRO C 2 -16.26 -6.83 -4.86
C PRO C 2 -16.99 -7.70 -5.90
N ARG C 3 -16.18 -8.28 -6.78
CA ARG C 3 -16.64 -9.20 -7.83
C ARG C 3 -16.98 -10.55 -7.20
N PRO C 5 -17.19 -14.53 -6.56
CA PRO C 5 -16.21 -15.55 -6.94
C PRO C 5 -16.76 -16.49 -7.99
N SER C 6 -15.85 -17.05 -8.76
CA SER C 6 -16.24 -18.02 -9.76
C SER C 6 -15.33 -19.24 -9.63
N HIS C 7 -14.65 -19.64 -10.69
CA HIS C 7 -13.82 -20.82 -10.63
C HIS C 7 -12.51 -20.76 -9.88
N SER C 8 -12.10 -21.92 -9.38
CA SER C 8 -10.85 -22.10 -8.71
C SER C 8 -9.81 -22.26 -9.82
N MET C 9 -8.53 -22.17 -9.47
CA MET C 9 -7.48 -22.26 -10.49
C MET C 9 -7.17 -23.72 -10.84
#